data_6XUD
#
_entry.id   6XUD
#
_cell.length_a   64.917
_cell.length_b   64.917
_cell.length_c   242.602
_cell.angle_alpha   90.000
_cell.angle_beta   90.000
_cell.angle_gamma   90.000
#
_symmetry.space_group_name_H-M   'P 43 21 2'
#
loop_
_entity.id
_entity.type
_entity.pdbx_description
1 polymer 'Heavy chain'
2 polymer 'Light chain'
3 water water
#
loop_
_entity_poly.entity_id
_entity_poly.type
_entity_poly.pdbx_seq_one_letter_code
_entity_poly.pdbx_strand_id
1 'polypeptide(L)'
;EVKLEESGGGLVQPGGSMKLSCAASGFTFSDAWMDWVRQSPEKGLEWVAEIGNKGNNHATYYAESVKGRFTVSRDDSKSR
VYLQMNSLRVEDTGTYYCTTRFAYWGQGTLVTVSAASTKGPSVFPLAPSSKSTSGGTAALGCLVKDYFPEPVTVSWNSGA
LTSGVHTFPAVLQSSGLYSLSSVVTVPSSSLGTQTYICNVNHKPSNTKVDKRVEPKSCDKTH
;
H
2 'polypeptide(L)'
;DIKMTQSPSSMYASLGERVTITCKASQDINSYLSWFQQKPGKSPKTLIYRANRLVDGVPSRFSGSGSGQDYSLTISSLEY
EDMGIYYCLQYDEFPRTFGGGTKLEIKRTVAAPSVFIFPPSDEQLKSGTASVVCLLNNFYPREAKVQWKVDNALQSGNSQ
ESVTEQDSKDSTYSLSSTLTLSKADYEKHKVYACEVTHQGLSSPVTKSFNRGEC
;
L
#
# COMPACT_ATOMS: atom_id res chain seq x y z
N GLU A 1 22.35 -8.04 15.90
CA GLU A 1 21.35 -7.25 15.14
C GLU A 1 20.05 -7.12 15.92
N VAL A 2 19.50 -5.91 15.99
CA VAL A 2 18.21 -5.71 16.64
C VAL A 2 17.11 -6.33 15.78
N LYS A 3 16.24 -7.10 16.42
CA LYS A 3 15.06 -7.64 15.74
C LYS A 3 13.82 -7.50 16.61
N LEU A 4 12.71 -7.16 15.97
CA LEU A 4 11.42 -7.00 16.60
C LEU A 4 10.38 -7.71 15.75
N GLU A 5 9.44 -8.41 16.38
CA GLU A 5 8.43 -9.12 15.60
C GLU A 5 7.11 -9.11 16.35
N GLU A 6 6.13 -8.45 15.77
CA GLU A 6 4.81 -8.34 16.38
C GLU A 6 3.93 -9.52 15.98
N SER A 7 2.99 -9.86 16.85
CA SER A 7 2.02 -10.90 16.57
C SER A 7 0.74 -10.56 17.31
N GLY A 8 -0.36 -11.24 16.93
CA GLY A 8 -1.60 -11.14 17.66
C GLY A 8 -2.72 -10.47 16.92
N GLY A 9 -2.45 -9.80 15.82
CA GLY A 9 -3.48 -9.12 15.11
C GLY A 9 -4.39 -10.06 14.34
N GLY A 10 -5.39 -9.45 13.73
CA GLY A 10 -6.39 -10.17 12.98
C GLY A 10 -7.70 -9.41 13.04
N LEU A 11 -8.77 -10.12 12.68
CA LEU A 11 -10.11 -9.55 12.68
C LEU A 11 -10.77 -9.74 14.03
N VAL A 12 -11.41 -8.67 14.51
CA VAL A 12 -12.08 -8.65 15.80
C VAL A 12 -13.27 -7.72 15.68
N GLN A 13 -14.35 -8.05 16.42
CA GLN A 13 -15.59 -7.30 16.37
C GLN A 13 -15.49 -6.03 17.21
N PRO A 14 -16.20 -4.96 16.83
CA PRO A 14 -16.28 -3.78 17.69
C PRO A 14 -16.78 -4.17 19.08
N GLY A 15 -16.16 -3.57 20.09
CA GLY A 15 -16.42 -3.92 21.47
C GLY A 15 -15.58 -5.05 21.99
N GLY A 16 -14.86 -5.74 21.10
CA GLY A 16 -14.06 -6.88 21.47
C GLY A 16 -12.70 -6.51 22.00
N SER A 17 -11.91 -7.55 22.26
CA SER A 17 -10.60 -7.41 22.87
CA SER A 17 -10.60 -7.41 22.86
C SER A 17 -9.58 -8.21 22.06
N MET A 18 -8.33 -7.74 22.10
CA MET A 18 -7.24 -8.38 21.37
C MET A 18 -5.93 -7.99 22.04
N LYS A 19 -5.02 -8.95 22.18
CA LYS A 19 -3.72 -8.70 22.79
C LYS A 19 -2.63 -8.88 21.76
N LEU A 20 -1.80 -7.85 21.59
CA LEU A 20 -0.66 -7.91 20.70
C LEU A 20 0.58 -8.18 21.53
N SER A 21 1.55 -8.83 20.88
CA SER A 21 2.83 -9.16 21.51
C SER A 21 3.97 -8.83 20.54
N CYS A 22 5.08 -8.40 21.11
CA CYS A 22 6.27 -8.08 20.34
C CYS A 22 7.45 -8.82 20.96
N ALA A 23 8.09 -9.67 20.16
CA ALA A 23 9.29 -10.38 20.56
C ALA A 23 10.53 -9.61 20.12
N ALA A 24 11.45 -9.40 21.04
CA ALA A 24 12.63 -8.59 20.78
C ALA A 24 13.90 -9.39 21.02
N SER A 25 14.93 -9.06 20.25
CA SER A 25 16.24 -9.64 20.47
C SER A 25 17.30 -8.69 19.92
N GLY A 26 18.53 -8.91 20.36
CA GLY A 26 19.66 -8.16 19.84
C GLY A 26 20.03 -6.92 20.61
N PHE A 27 19.43 -6.70 21.77
CA PHE A 27 19.78 -5.61 22.67
C PHE A 27 19.37 -6.04 24.07
N THR A 28 19.84 -5.29 25.07
CA THR A 28 19.49 -5.55 26.47
C THR A 28 18.09 -5.01 26.70
N PHE A 29 17.12 -5.91 26.74
CA PHE A 29 15.72 -5.50 26.66
C PHE A 29 15.32 -4.64 27.86
N SER A 30 15.78 -5.02 29.06
CA SER A 30 15.33 -4.32 30.26
C SER A 30 15.78 -2.86 30.26
N ASP A 31 16.78 -2.51 29.47
CA ASP A 31 17.27 -1.14 29.45
C ASP A 31 16.59 -0.29 28.39
N ALA A 32 15.71 -0.88 27.60
CA ALA A 32 15.13 -0.21 26.44
C ALA A 32 13.72 0.28 26.75
N TRP A 33 13.46 1.55 26.43
CA TRP A 33 12.09 2.05 26.33
C TRP A 33 11.43 1.45 25.09
N MET A 34 10.14 1.13 25.18
CA MET A 34 9.42 0.55 24.04
C MET A 34 8.14 1.32 23.76
N ASP A 35 7.70 1.28 22.50
CA ASP A 35 6.51 2.00 22.09
C ASP A 35 5.69 1.14 21.14
N TRP A 36 4.39 1.45 21.10
CA TRP A 36 3.48 0.99 20.07
C TRP A 36 3.04 2.19 19.24
N VAL A 37 3.06 2.03 17.92
CA VAL A 37 2.63 3.03 16.94
C VAL A 37 1.70 2.33 15.96
N ARG A 38 0.64 3.01 15.52
CA ARG A 38 -0.24 2.39 14.53
C ARG A 38 -0.32 3.27 13.29
N GLN A 39 -0.70 2.65 12.18
CA GLN A 39 -0.74 3.35 10.91
C GLN A 39 -1.98 2.92 10.16
N SER A 40 -2.64 3.89 9.53
CA SER A 40 -3.78 3.63 8.67
C SER A 40 -3.69 4.58 7.48
N PRO A 41 -4.29 4.20 6.33
CA PRO A 41 -4.42 5.19 5.24
C PRO A 41 -5.14 6.45 5.69
N GLU A 42 -6.05 6.31 6.66
CA GLU A 42 -6.91 7.42 7.08
C GLU A 42 -6.11 8.47 7.83
N LYS A 43 -5.44 8.05 8.91
CA LYS A 43 -4.88 8.95 9.90
C LYS A 43 -3.37 9.00 9.86
N GLY A 44 -2.72 8.20 9.02
CA GLY A 44 -1.29 8.22 8.99
C GLY A 44 -0.72 7.50 10.19
N LEU A 45 0.49 7.91 10.59
CA LEU A 45 1.15 7.34 11.75
C LEU A 45 0.64 8.02 13.02
N GLU A 46 0.29 7.19 14.01
CA GLU A 46 -0.21 7.65 15.30
C GLU A 46 0.51 6.90 16.41
N TRP A 47 1.12 7.65 17.33
CA TRP A 47 1.69 7.06 18.53
C TRP A 47 0.57 6.56 19.44
N VAL A 48 0.75 5.37 20.02
CA VAL A 48 -0.27 4.72 20.83
C VAL A 48 0.12 4.65 22.30
N ALA A 49 1.29 4.10 22.60
CA ALA A 49 1.66 3.89 23.99
C ALA A 49 3.17 3.83 24.09
N GLU A 50 3.68 4.15 25.29
CA GLU A 50 5.10 4.07 25.59
C GLU A 50 5.26 3.46 26.98
N ILE A 51 6.30 2.62 27.14
CA ILE A 51 6.56 1.99 28.43
C ILE A 51 8.05 2.10 28.76
N GLY A 52 8.33 2.55 29.98
CA GLY A 52 9.70 2.80 30.39
C GLY A 52 10.51 1.53 30.60
N ASN A 53 11.82 1.72 30.57
CA ASN A 53 12.73 0.64 30.90
C ASN A 53 12.69 0.37 32.40
N LYS A 54 13.44 -0.64 32.83
CA LYS A 54 13.45 -1.01 34.23
C LYS A 54 13.90 0.14 35.11
N GLY A 55 14.91 0.91 34.68
CA GLY A 55 15.36 2.03 35.48
C GLY A 55 14.29 3.08 35.72
N ASN A 56 13.32 3.16 34.82
CA ASN A 56 12.19 4.08 34.94
C ASN A 56 10.91 3.36 35.39
N ASN A 57 11.05 2.20 36.03
CA ASN A 57 9.95 1.52 36.71
C ASN A 57 8.82 1.17 35.74
N HIS A 58 9.15 0.92 34.47
CA HIS A 58 8.17 0.49 33.48
C HIS A 58 6.99 1.46 33.40
N ALA A 59 7.25 2.74 33.58
CA ALA A 59 6.18 3.74 33.58
C ALA A 59 5.47 3.75 32.24
N THR A 60 4.15 3.97 32.26
CA THR A 60 3.37 3.87 31.04
C THR A 60 2.74 5.22 30.66
N TYR A 61 2.59 5.42 29.34
CA TYR A 61 2.06 6.65 28.75
C TYR A 61 1.19 6.27 27.57
N TYR A 62 0.09 6.99 27.37
CA TYR A 62 -0.92 6.62 26.38
C TYR A 62 -1.40 7.82 25.58
N ALA A 63 -1.73 7.55 24.32
CA ALA A 63 -2.52 8.50 23.54
C ALA A 63 -3.91 8.65 24.16
N GLU A 64 -4.43 9.87 24.20
CA GLU A 64 -5.76 10.08 24.78
C GLU A 64 -6.84 9.25 24.08
N SER A 65 -6.65 8.96 22.78
CA SER A 65 -7.60 8.15 22.02
C SER A 65 -7.81 6.75 22.61
N VAL A 66 -6.81 6.22 23.31
CA VAL A 66 -6.83 4.84 23.77
C VAL A 66 -6.76 4.73 25.28
N LYS A 67 -6.62 5.85 25.98
CA LYS A 67 -6.52 5.80 27.44
C LYS A 67 -7.77 5.18 28.03
N GLY A 68 -7.57 4.26 28.97
CA GLY A 68 -8.65 3.55 29.61
C GLY A 68 -9.10 2.30 28.89
N ARG A 69 -8.71 2.13 27.63
CA ARG A 69 -9.05 0.94 26.87
C ARG A 69 -7.85 0.07 26.57
N PHE A 70 -6.68 0.67 26.33
CA PHE A 70 -5.47 -0.07 26.00
C PHE A 70 -4.54 -0.07 27.21
N THR A 71 -3.78 -1.16 27.37
CA THR A 71 -2.76 -1.28 28.42
C THR A 71 -1.48 -1.83 27.82
N VAL A 72 -0.39 -1.10 27.96
CA VAL A 72 0.92 -1.58 27.55
C VAL A 72 1.63 -2.18 28.76
N SER A 73 2.28 -3.33 28.55
CA SER A 73 3.01 -4.03 29.59
C SER A 73 4.23 -4.72 28.96
N ARG A 74 5.10 -5.24 29.82
CA ARG A 74 6.29 -5.91 29.33
C ARG A 74 6.71 -6.99 30.31
N ASP A 75 7.40 -7.99 29.77
CA ASP A 75 8.02 -9.06 30.55
C ASP A 75 9.49 -9.06 30.16
N ASP A 76 10.31 -8.45 31.00
CA ASP A 76 11.72 -8.30 30.64
C ASP A 76 12.41 -9.66 30.53
N SER A 77 12.01 -10.62 31.37
CA SER A 77 12.63 -11.94 31.33
C SER A 77 12.39 -12.63 30.00
N LYS A 78 11.26 -12.33 29.36
CA LYS A 78 10.91 -12.91 28.07
C LYS A 78 11.30 -12.03 26.88
N SER A 79 11.81 -10.83 27.13
CA SER A 79 12.04 -9.83 26.09
C SER A 79 10.79 -9.63 25.22
N ARG A 80 9.67 -9.35 25.90
CA ARG A 80 8.40 -9.12 25.22
C ARG A 80 7.75 -7.84 25.71
N VAL A 81 7.17 -7.10 24.78
CA VAL A 81 6.24 -6.04 25.14
C VAL A 81 4.87 -6.42 24.58
N TYR A 82 3.83 -5.96 25.28
CA TYR A 82 2.46 -6.33 24.97
C TYR A 82 1.57 -5.11 24.89
N LEU A 83 0.48 -5.25 24.13
CA LEU A 83 -0.56 -4.23 24.09
C LEU A 83 -1.89 -4.95 24.20
N GLN A 84 -2.56 -4.79 25.34
CA GLN A 84 -3.89 -5.32 25.54
C GLN A 84 -4.89 -4.27 25.11
N MET A 85 -5.73 -4.59 24.14
CA MET A 85 -6.71 -3.66 23.60
C MET A 85 -8.11 -4.15 23.93
N ASN A 86 -8.85 -3.37 24.72
CA ASN A 86 -10.24 -3.67 25.05
C ASN A 86 -11.16 -2.63 24.43
N SER A 87 -12.45 -2.95 24.40
CA SER A 87 -13.48 -2.04 23.91
C SER A 87 -13.09 -1.46 22.56
N LEU A 88 -12.67 -2.35 21.66
CA LEU A 88 -12.13 -1.91 20.39
C LEU A 88 -13.19 -1.22 19.54
N ARG A 89 -12.71 -0.27 18.74
CA ARG A 89 -13.54 0.57 17.90
C ARG A 89 -13.07 0.43 16.46
N VAL A 90 -13.99 0.65 15.53
CA VAL A 90 -13.64 0.54 14.11
C VAL A 90 -12.42 1.39 13.80
N GLU A 91 -12.33 2.59 14.37
CA GLU A 91 -11.22 3.49 14.08
C GLU A 91 -9.91 3.06 14.73
N ASP A 92 -9.90 1.99 15.54
CA ASP A 92 -8.64 1.39 15.98
C ASP A 92 -8.01 0.50 14.91
N THR A 93 -8.68 0.29 13.78
CA THR A 93 -8.11 -0.49 12.68
C THR A 93 -6.80 0.12 12.20
N GLY A 94 -5.81 -0.72 11.99
CA GLY A 94 -4.55 -0.26 11.45
C GLY A 94 -3.48 -1.31 11.62
N THR A 95 -2.31 -0.99 11.05
CA THR A 95 -1.11 -1.79 11.26
C THR A 95 -0.42 -1.30 12.52
N TYR A 96 -0.18 -2.20 13.47
CA TYR A 96 0.41 -1.87 14.75
C TYR A 96 1.87 -2.30 14.77
N TYR A 97 2.75 -1.35 15.05
CA TYR A 97 4.19 -1.58 15.11
C TYR A 97 4.69 -1.45 16.54
N CYS A 98 5.61 -2.32 16.92
CA CYS A 98 6.39 -2.14 18.14
CA CYS A 98 6.38 -2.15 18.13
C CYS A 98 7.74 -1.56 17.75
N THR A 99 8.27 -0.69 18.61
CA THR A 99 9.52 0.01 18.27
C THR A 99 10.29 0.32 19.53
N THR A 100 11.62 0.30 19.41
CA THR A 100 12.51 0.65 20.51
C THR A 100 12.63 2.18 20.60
N ARG A 101 11.56 2.80 21.10
CA ARG A 101 11.45 4.27 21.16
C ARG A 101 11.96 4.89 19.86
N PHE A 102 11.50 4.32 18.76
CA PHE A 102 11.57 4.88 17.43
C PHE A 102 12.93 4.71 16.77
N ALA A 103 13.82 3.87 17.30
CA ALA A 103 15.10 3.58 16.65
C ALA A 103 14.96 2.45 15.63
N TYR A 104 14.27 1.38 16.02
CA TYR A 104 14.02 0.21 15.19
C TYR A 104 12.56 -0.19 15.31
N TRP A 105 12.05 -0.79 14.25
CA TRP A 105 10.64 -1.09 14.09
C TRP A 105 10.45 -2.53 13.64
N GLY A 106 9.39 -3.17 14.14
CA GLY A 106 9.00 -4.46 13.62
C GLY A 106 8.31 -4.33 12.27
N GLN A 107 7.88 -5.49 11.75
CA GLN A 107 7.19 -5.52 10.47
C GLN A 107 5.73 -5.11 10.59
N GLY A 108 5.17 -5.15 11.78
CA GLY A 108 3.79 -4.75 12.02
C GLY A 108 2.85 -5.93 12.03
N THR A 109 1.72 -5.75 12.72
CA THR A 109 0.62 -6.72 12.75
C THR A 109 -0.68 -5.96 12.46
N LEU A 110 -1.46 -6.47 11.51
CA LEU A 110 -2.68 -5.79 11.06
C LEU A 110 -3.85 -6.14 11.98
N VAL A 111 -4.47 -5.11 12.53
CA VAL A 111 -5.65 -5.21 13.38
C VAL A 111 -6.83 -4.66 12.61
N THR A 112 -7.84 -5.50 12.35
CA THR A 112 -9.04 -5.07 11.65
C THR A 112 -10.20 -5.18 12.63
N VAL A 113 -10.82 -4.04 12.96
CA VAL A 113 -11.98 -4.01 13.85
C VAL A 113 -13.22 -3.80 12.98
N SER A 114 -14.06 -4.82 12.87
CA SER A 114 -15.17 -4.78 11.94
C SER A 114 -16.19 -5.81 12.36
N ALA A 115 -17.46 -5.51 12.09
CA ALA A 115 -18.53 -6.47 12.31
C ALA A 115 -18.67 -7.44 11.14
N ALA A 116 -17.96 -7.21 10.04
CA ALA A 116 -18.10 -8.07 8.87
C ALA A 116 -17.36 -9.39 9.08
N SER A 117 -17.85 -10.42 8.42
CA SER A 117 -17.29 -11.75 8.51
C SER A 117 -16.13 -11.94 7.54
N THR A 118 -15.21 -12.82 7.94
CA THR A 118 -14.16 -13.29 7.03
C THR A 118 -14.79 -13.92 5.79
N LYS A 119 -14.24 -13.57 4.62
CA LYS A 119 -14.67 -14.15 3.36
C LYS A 119 -13.46 -14.32 2.43
N GLY A 120 -13.29 -15.53 1.90
CA GLY A 120 -12.28 -15.76 0.91
C GLY A 120 -12.67 -15.28 -0.47
N PRO A 121 -11.69 -15.01 -1.30
CA PRO A 121 -11.97 -14.44 -2.62
C PRO A 121 -12.40 -15.49 -3.64
N SER A 122 -13.10 -15.02 -4.65
CA SER A 122 -13.23 -15.73 -5.93
C SER A 122 -12.16 -15.20 -6.86
N VAL A 123 -11.58 -16.07 -7.68
CA VAL A 123 -10.53 -15.66 -8.61
C VAL A 123 -11.02 -15.90 -10.04
N PHE A 124 -11.06 -14.84 -10.83
CA PHE A 124 -11.57 -14.88 -12.18
C PHE A 124 -10.47 -14.50 -13.17
N PRO A 125 -10.49 -15.10 -14.37
CA PRO A 125 -9.45 -14.81 -15.35
C PRO A 125 -9.69 -13.48 -16.05
N LEU A 126 -8.60 -12.77 -16.31
CA LEU A 126 -8.53 -11.65 -17.26
C LEU A 126 -7.83 -12.22 -18.49
N ALA A 127 -8.62 -12.73 -19.43
CA ALA A 127 -8.09 -13.59 -20.48
C ALA A 127 -7.46 -12.74 -21.58
N PRO A 128 -6.35 -13.18 -22.16
CA PRO A 128 -5.71 -12.39 -23.21
C PRO A 128 -6.62 -12.27 -24.42
N SER A 129 -6.69 -11.06 -24.98
CA SER A 129 -7.60 -10.75 -26.08
C SER A 129 -7.26 -11.58 -27.30
N SER A 130 -8.30 -12.03 -28.01
CA SER A 130 -8.10 -12.76 -29.26
C SER A 130 -7.54 -11.86 -30.35
N LYS A 131 -7.57 -10.54 -30.16
CA LYS A 131 -7.01 -9.59 -31.11
C LYS A 131 -5.61 -9.15 -30.72
N SER A 132 -4.95 -9.90 -29.83
CA SER A 132 -3.59 -9.57 -29.43
C SER A 132 -2.70 -9.43 -30.67
N THR A 133 -2.01 -8.29 -30.76
CA THR A 133 -1.26 -7.96 -31.97
C THR A 133 -0.24 -9.04 -32.28
N SER A 134 -0.35 -9.62 -33.48
CA SER A 134 0.61 -10.62 -33.93
C SER A 134 2.03 -10.07 -33.84
N GLY A 135 2.93 -10.83 -33.23
CA GLY A 135 4.29 -10.36 -33.04
C GLY A 135 4.44 -9.28 -31.99
N GLY A 136 3.35 -8.90 -31.32
CA GLY A 136 3.40 -7.84 -30.34
C GLY A 136 3.29 -8.34 -28.91
N THR A 137 2.65 -7.54 -28.06
CA THR A 137 2.57 -7.79 -26.63
C THR A 137 1.12 -7.96 -26.24
N ALA A 138 0.86 -9.01 -25.45
CA ALA A 138 -0.45 -9.31 -24.91
C ALA A 138 -0.46 -9.10 -23.40
N ALA A 139 -1.64 -8.85 -22.86
CA ALA A 139 -1.84 -8.75 -21.42
C ALA A 139 -2.86 -9.76 -20.95
N LEU A 140 -2.65 -10.28 -19.74
CA LEU A 140 -3.54 -11.21 -19.09
C LEU A 140 -3.45 -10.98 -17.59
N GLY A 141 -4.38 -11.55 -16.85
CA GLY A 141 -4.34 -11.34 -15.41
C GLY A 141 -5.37 -12.16 -14.68
N CYS A 142 -5.50 -11.84 -13.40
CA CYS A 142 -6.61 -12.40 -12.65
CA CYS A 142 -6.58 -12.41 -12.60
C CYS A 142 -7.19 -11.34 -11.73
N LEU A 143 -8.49 -11.44 -11.56
CA LEU A 143 -9.30 -10.58 -10.73
C LEU A 143 -9.62 -11.34 -9.47
N VAL A 144 -9.17 -10.81 -8.33
CA VAL A 144 -9.36 -11.42 -7.02
C VAL A 144 -10.47 -10.65 -6.34
N LYS A 145 -11.68 -11.22 -6.34
CA LYS A 145 -12.86 -10.45 -6.01
C LYS A 145 -13.49 -10.90 -4.70
N ASP A 146 -13.88 -9.91 -3.90
CA ASP A 146 -14.83 -10.09 -2.79
C ASP A 146 -14.22 -10.86 -1.63
N TYR A 147 -13.20 -10.28 -1.00
CA TYR A 147 -12.60 -10.90 0.18
C TYR A 147 -12.57 -9.91 1.34
N PHE A 148 -12.44 -10.48 2.55
CA PHE A 148 -12.34 -9.68 3.75
C PHE A 148 -11.76 -10.55 4.86
N PRO A 149 -10.90 -10.02 5.72
CA PRO A 149 -10.24 -8.71 5.69
C PRO A 149 -9.06 -8.73 4.73
N GLU A 150 -8.31 -7.64 4.67
CA GLU A 150 -7.01 -7.69 4.03
C GLU A 150 -6.08 -8.57 4.85
N PRO A 151 -4.98 -9.07 4.26
CA PRO A 151 -4.53 -8.87 2.89
C PRO A 151 -4.58 -10.12 2.00
N VAL A 152 -4.31 -9.89 0.71
CA VAL A 152 -4.14 -10.93 -0.30
C VAL A 152 -2.76 -10.74 -0.91
N THR A 153 -2.08 -11.85 -1.22
CA THR A 153 -0.86 -11.84 -2.03
C THR A 153 -1.12 -12.61 -3.30
N VAL A 154 -0.39 -12.22 -4.36
CA VAL A 154 -0.45 -12.86 -5.67
C VAL A 154 0.96 -13.04 -6.21
N SER A 155 1.22 -14.22 -6.78
CA SER A 155 2.42 -14.51 -7.55
C SER A 155 1.98 -15.12 -8.88
N TRP A 156 2.91 -15.24 -9.82
CA TRP A 156 2.67 -15.89 -11.10
C TRP A 156 3.61 -17.07 -11.28
N ASN A 157 3.05 -18.19 -11.73
CA ASN A 157 3.84 -19.40 -11.98
C ASN A 157 4.73 -19.74 -10.79
N SER A 158 4.16 -19.64 -9.60
CA SER A 158 4.81 -20.00 -8.34
C SER A 158 6.10 -19.22 -8.12
N GLY A 159 6.12 -17.98 -8.59
CA GLY A 159 7.27 -17.13 -8.45
C GLY A 159 8.25 -17.18 -9.61
N ALA A 160 8.04 -18.09 -10.57
CA ALA A 160 8.96 -18.20 -11.70
C ALA A 160 8.77 -17.08 -12.71
N LEU A 161 7.64 -16.37 -12.66
CA LEU A 161 7.37 -15.25 -13.55
C LEU A 161 7.24 -13.98 -12.73
N THR A 162 8.17 -13.05 -12.91
CA THR A 162 8.10 -11.76 -12.24
C THR A 162 8.16 -10.57 -13.19
N SER A 163 8.79 -10.74 -14.34
CA SER A 163 8.92 -9.66 -15.31
C SER A 163 7.56 -9.34 -15.90
N GLY A 164 7.26 -8.04 -15.99
CA GLY A 164 6.02 -7.60 -16.57
C GLY A 164 4.81 -7.71 -15.67
N VAL A 165 4.99 -8.08 -14.44
CA VAL A 165 3.86 -8.27 -13.53
C VAL A 165 3.53 -6.94 -12.88
N HIS A 166 2.24 -6.63 -12.77
CA HIS A 166 1.77 -5.52 -11.93
C HIS A 166 0.63 -6.04 -11.07
N THR A 167 0.82 -6.02 -9.75
CA THR A 167 -0.23 -6.38 -8.82
C THR A 167 -0.71 -5.10 -8.13
N PHE A 168 -2.00 -4.77 -8.35
CA PHE A 168 -2.52 -3.47 -7.95
C PHE A 168 -2.92 -3.47 -6.49
N PRO A 169 -2.88 -2.30 -5.87
CA PRO A 169 -3.46 -2.18 -4.53
C PRO A 169 -4.92 -2.58 -4.53
N ALA A 170 -5.33 -3.21 -3.44
CA ALA A 170 -6.74 -3.53 -3.28
C ALA A 170 -7.57 -2.27 -3.19
N VAL A 171 -8.83 -2.42 -3.62
CA VAL A 171 -9.85 -1.37 -3.49
C VAL A 171 -10.96 -1.91 -2.61
N LEU A 172 -11.48 -1.04 -1.75
CA LEU A 172 -12.64 -1.35 -0.94
C LEU A 172 -13.90 -1.01 -1.73
N GLN A 173 -14.73 -2.03 -1.97
CA GLN A 173 -15.96 -1.86 -2.72
C GLN A 173 -17.08 -1.35 -1.80
N SER A 174 -18.16 -0.87 -2.43
CA SER A 174 -19.31 -0.40 -1.67
C SER A 174 -19.88 -1.47 -0.75
N SER A 175 -19.74 -2.73 -1.14
CA SER A 175 -20.22 -3.85 -0.34
C SER A 175 -19.46 -4.02 0.97
N GLY A 176 -18.32 -3.36 1.11
CA GLY A 176 -17.45 -3.61 2.24
C GLY A 176 -16.43 -4.69 2.03
N LEU A 177 -16.44 -5.33 0.86
CA LEU A 177 -15.48 -6.35 0.52
C LEU A 177 -14.40 -5.73 -0.37
N TYR A 178 -13.21 -6.30 -0.32
CA TYR A 178 -12.09 -5.87 -1.14
C TYR A 178 -12.03 -6.65 -2.45
N SER A 179 -11.35 -6.04 -3.42
CA SER A 179 -11.02 -6.67 -4.70
CA SER A 179 -11.02 -6.67 -4.70
C SER A 179 -9.67 -6.15 -5.13
N LEU A 180 -8.91 -7.00 -5.82
CA LEU A 180 -7.70 -6.53 -6.47
C LEU A 180 -7.48 -7.32 -7.75
N SER A 181 -6.61 -6.78 -8.58
CA SER A 181 -6.23 -7.39 -9.84
C SER A 181 -4.72 -7.53 -9.89
N SER A 182 -4.28 -8.57 -10.58
CA SER A 182 -2.87 -8.74 -10.95
C SER A 182 -2.80 -9.04 -12.44
N VAL A 183 -1.88 -8.36 -13.14
CA VAL A 183 -1.73 -8.53 -14.58
C VAL A 183 -0.27 -8.81 -14.91
N VAL A 184 -0.06 -9.37 -16.10
CA VAL A 184 1.27 -9.57 -16.67
C VAL A 184 1.16 -9.37 -18.18
N THR A 185 2.18 -8.73 -18.75
CA THR A 185 2.32 -8.62 -20.20
C THR A 185 3.35 -9.64 -20.67
N VAL A 186 3.05 -10.28 -21.79
CA VAL A 186 3.86 -11.37 -22.33
C VAL A 186 3.84 -11.27 -23.85
N PRO A 187 4.75 -11.93 -24.56
CA PRO A 187 4.70 -11.92 -26.02
C PRO A 187 3.44 -12.62 -26.52
N SER A 188 2.76 -12.00 -27.48
CA SER A 188 1.59 -12.62 -28.10
C SER A 188 1.95 -14.03 -28.56
N SER A 189 3.17 -14.20 -29.06
CA SER A 189 3.67 -15.48 -29.54
C SER A 189 3.64 -16.56 -28.47
N SER A 190 3.63 -16.19 -27.20
CA SER A 190 3.73 -17.19 -26.15
C SER A 190 2.38 -17.70 -25.69
N LEU A 191 1.27 -17.10 -26.14
CA LEU A 191 -0.04 -17.47 -25.60
C LEU A 191 -0.41 -18.90 -25.97
N GLY A 192 0.04 -19.38 -27.13
CA GLY A 192 -0.27 -20.74 -27.52
C GLY A 192 0.62 -21.80 -26.89
N THR A 193 1.75 -21.39 -26.32
CA THR A 193 2.78 -22.33 -25.88
C THR A 193 3.00 -22.32 -24.38
N GLN A 194 2.93 -21.16 -23.73
CA GLN A 194 3.27 -21.06 -22.32
C GLN A 194 2.00 -21.13 -21.48
N THR A 195 2.15 -21.61 -20.24
CA THR A 195 1.06 -21.66 -19.28
C THR A 195 1.25 -20.58 -18.24
N TYR A 196 0.16 -19.88 -17.91
CA TYR A 196 0.17 -18.79 -16.94
C TYR A 196 -0.81 -19.08 -15.82
N ILE A 197 -0.30 -19.12 -14.60
CA ILE A 197 -1.08 -19.44 -13.41
C ILE A 197 -0.84 -18.35 -12.38
N CYS A 198 -1.91 -17.77 -11.87
CA CYS A 198 -1.77 -16.84 -10.77
C CYS A 198 -2.05 -17.56 -9.46
N ASN A 199 -1.15 -17.36 -8.50
CA ASN A 199 -1.23 -18.02 -7.21
C ASN A 199 -1.69 -16.98 -6.19
N VAL A 200 -2.87 -17.20 -5.64
CA VAL A 200 -3.55 -16.26 -4.75
C VAL A 200 -3.57 -16.85 -3.36
N ASN A 201 -3.17 -16.06 -2.37
CA ASN A 201 -3.22 -16.48 -0.98
C ASN A 201 -3.94 -15.44 -0.16
N HIS A 202 -5.04 -15.84 0.46
CA HIS A 202 -5.77 -15.04 1.44
C HIS A 202 -5.67 -15.74 2.78
N LYS A 203 -4.59 -15.46 3.50
CA LYS A 203 -4.37 -16.15 4.77
C LYS A 203 -5.47 -15.93 5.78
N PRO A 204 -6.14 -14.77 5.84
CA PRO A 204 -7.19 -14.61 6.86
C PRO A 204 -8.33 -15.60 6.74
N SER A 205 -8.59 -16.15 5.56
CA SER A 205 -9.60 -17.18 5.38
C SER A 205 -9.01 -18.56 5.09
N ASN A 206 -7.69 -18.70 5.19
CA ASN A 206 -7.01 -19.95 4.85
C ASN A 206 -7.38 -20.40 3.43
N THR A 207 -7.42 -19.46 2.51
CA THR A 207 -7.81 -19.73 1.13
C THR A 207 -6.60 -19.55 0.22
N LYS A 208 -6.24 -20.60 -0.52
CA LYS A 208 -5.24 -20.54 -1.58
C LYS A 208 -5.87 -21.01 -2.88
N VAL A 209 -5.61 -20.29 -3.95
CA VAL A 209 -6.16 -20.61 -5.27
C VAL A 209 -5.06 -20.47 -6.30
N ASP A 210 -4.91 -21.48 -7.15
CA ASP A 210 -4.08 -21.39 -8.35
C ASP A 210 -5.01 -21.34 -9.57
N LYS A 211 -5.01 -20.22 -10.28
CA LYS A 211 -5.92 -20.00 -11.41
C LYS A 211 -5.11 -19.95 -12.69
N ARG A 212 -5.33 -20.93 -13.56
CA ARG A 212 -4.75 -20.91 -14.88
C ARG A 212 -5.57 -20.00 -15.79
N VAL A 213 -4.88 -19.11 -16.50
CA VAL A 213 -5.47 -18.09 -17.35
C VAL A 213 -5.05 -18.38 -18.78
N GLU A 214 -6.03 -18.57 -19.66
CA GLU A 214 -5.73 -18.88 -21.05
C GLU A 214 -6.65 -18.13 -21.97
N PRO A 215 -6.33 -18.05 -23.26
CA PRO A 215 -7.24 -17.42 -24.21
C PRO A 215 -8.61 -18.09 -24.20
N LYS A 216 -9.65 -17.27 -24.31
CA LYS A 216 -11.02 -17.77 -24.39
C LYS A 216 -11.25 -18.42 -25.75
N SER A 217 -11.96 -19.55 -25.72
CA SER A 217 -11.88 -20.46 -26.86
C SER A 217 -12.40 -19.82 -28.14
N CYS A 218 -13.72 -19.43 -28.13
CA CYS A 218 -14.58 -18.95 -29.25
C CYS A 218 -15.42 -20.14 -29.83
N ASP B 1 -1.68 19.25 21.89
CA ASP B 1 -0.81 18.38 21.05
C ASP B 1 0.03 19.27 20.12
N ILE B 2 1.27 18.85 19.88
CA ILE B 2 2.15 19.55 18.97
C ILE B 2 1.86 19.09 17.54
N LYS B 3 1.53 20.03 16.67
CA LYS B 3 1.27 19.72 15.28
C LYS B 3 2.57 19.76 14.50
N MET B 4 2.82 18.72 13.72
CA MET B 4 3.99 18.59 12.86
C MET B 4 3.51 18.70 11.42
N THR B 5 4.04 19.68 10.69
CA THR B 5 3.63 19.95 9.32
C THR B 5 4.82 19.81 8.39
N GLN B 6 4.71 18.90 7.43
CA GLN B 6 5.76 18.66 6.46
C GLN B 6 5.44 19.32 5.13
N SER B 7 6.51 19.71 4.43
CA SER B 7 6.44 20.31 3.11
CA SER B 7 6.44 20.32 3.11
C SER B 7 7.62 19.84 2.27
N PRO B 8 7.40 19.58 0.99
CA PRO B 8 6.10 19.58 0.30
C PRO B 8 5.35 18.29 0.63
N SER B 9 4.09 18.17 0.21
CA SER B 9 3.40 16.90 0.42
C SER B 9 3.94 15.81 -0.50
N SER B 10 4.45 16.21 -1.67
CA SER B 10 4.98 15.27 -2.64
C SER B 10 5.85 16.06 -3.61
N MET B 11 6.82 15.37 -4.17
CA MET B 11 7.73 15.98 -5.13
C MET B 11 8.43 14.90 -5.95
N TYR B 12 8.99 15.35 -7.07
CA TYR B 12 9.83 14.53 -7.92
C TYR B 12 11.23 15.13 -7.97
N ALA B 13 12.23 14.26 -8.14
CA ALA B 13 13.61 14.68 -8.32
C ALA B 13 14.29 13.70 -9.28
N SER B 14 15.33 14.19 -9.94
CA SER B 14 16.12 13.37 -10.86
C SER B 14 17.29 12.71 -10.14
N LEU B 15 17.73 11.59 -10.70
CA LEU B 15 18.84 10.83 -10.13
C LEU B 15 20.04 11.72 -9.88
N GLY B 16 20.52 11.73 -8.65
CA GLY B 16 21.68 12.50 -8.26
C GLY B 16 21.39 13.89 -7.71
N GLU B 17 20.17 14.38 -7.85
CA GLU B 17 19.86 15.74 -7.44
CA GLU B 17 19.84 15.74 -7.45
C GLU B 17 19.81 15.86 -5.93
N ARG B 18 20.13 17.05 -5.44
CA ARG B 18 19.95 17.37 -4.04
C ARG B 18 18.48 17.58 -3.74
N VAL B 19 18.04 16.99 -2.62
CA VAL B 19 16.66 17.09 -2.15
C VAL B 19 16.65 17.61 -0.72
N THR B 20 15.81 18.62 -0.47
CA THR B 20 15.57 19.11 0.89
C THR B 20 14.07 19.19 1.15
N ILE B 21 13.64 18.60 2.26
CA ILE B 21 12.25 18.63 2.70
C ILE B 21 12.22 19.16 4.13
N THR B 22 11.09 19.76 4.51
CA THR B 22 11.02 20.46 5.78
C THR B 22 9.90 19.94 6.68
N CYS B 23 10.06 20.20 7.97
CA CYS B 23 9.13 19.79 9.02
C CYS B 23 9.10 20.94 10.01
N LYS B 24 7.91 21.47 10.28
CA LYS B 24 7.72 22.57 11.21
C LYS B 24 6.79 22.15 12.32
N ALA B 25 7.23 22.36 13.56
CA ALA B 25 6.44 22.06 14.75
C ALA B 25 5.69 23.31 15.20
N SER B 26 4.52 23.10 15.79
CA SER B 26 3.70 24.21 16.25
C SER B 26 4.28 24.89 17.48
N GLN B 27 5.31 24.30 18.10
CA GLN B 27 6.04 24.96 19.16
C GLN B 27 7.46 24.40 19.19
N ASP B 28 8.33 25.06 19.95
CA ASP B 28 9.70 24.59 20.13
C ASP B 28 9.72 23.14 20.64
N ILE B 29 10.45 22.27 19.93
CA ILE B 29 10.61 20.89 20.35
C ILE B 29 12.05 20.54 20.70
N ASN B 30 12.94 21.53 20.76
CA ASN B 30 14.27 21.34 21.35
C ASN B 30 15.06 20.22 20.67
N SER B 31 14.88 20.09 19.37
CA SER B 31 15.61 19.14 18.54
C SER B 31 15.30 17.70 18.88
N TYR B 32 14.21 17.43 19.61
CA TYR B 32 13.77 16.06 19.83
C TYR B 32 12.90 15.64 18.65
N LEU B 33 13.58 15.39 17.54
CA LEU B 33 12.96 15.18 16.23
C LEU B 33 13.68 14.04 15.54
N SER B 34 12.92 13.11 14.98
CA SER B 34 13.47 12.03 14.18
C SER B 34 12.86 12.06 12.79
N TRP B 35 13.61 11.54 11.82
CA TRP B 35 13.15 11.37 10.45
C TRP B 35 13.15 9.89 10.08
N PHE B 36 12.19 9.49 9.25
CA PHE B 36 12.06 8.12 8.79
C PHE B 36 11.75 8.06 7.30
N GLN B 37 12.16 6.97 6.66
CA GLN B 37 11.77 6.61 5.30
CA GLN B 37 11.77 6.61 5.30
C GLN B 37 10.88 5.37 5.38
N GLN B 38 9.80 5.36 4.60
CA GLN B 38 8.92 4.21 4.54
C GLN B 38 8.61 3.89 3.09
N LYS B 39 8.74 2.62 2.72
CA LYS B 39 8.35 2.12 1.41
C LYS B 39 7.05 1.34 1.51
N PRO B 40 6.32 1.20 0.41
CA PRO B 40 4.98 0.60 0.47
C PRO B 40 5.01 -0.80 1.05
N GLY B 41 4.12 -1.04 2.01
CA GLY B 41 4.01 -2.35 2.61
C GLY B 41 5.11 -2.69 3.59
N LYS B 42 5.99 -1.75 3.91
CA LYS B 42 7.14 -1.99 4.76
C LYS B 42 7.10 -1.07 5.97
N SER B 43 7.85 -1.40 7.00
CA SER B 43 7.84 -0.58 8.19
C SER B 43 8.72 0.65 8.02
N PRO B 44 8.52 1.67 8.85
CA PRO B 44 9.44 2.82 8.80
C PRO B 44 10.87 2.41 9.12
N LYS B 45 11.81 3.11 8.49
CA LYS B 45 13.25 2.97 8.74
C LYS B 45 13.77 4.30 9.25
N THR B 46 14.32 4.32 10.45
CA THR B 46 14.81 5.57 11.02
C THR B 46 16.09 6.00 10.31
N LEU B 47 16.16 7.30 9.99
CA LEU B 47 17.31 7.90 9.33
C LEU B 47 18.13 8.79 10.25
N ILE B 48 17.44 9.65 11.00
CA ILE B 48 18.02 10.75 11.77
C ILE B 48 17.29 10.81 13.09
N TYR B 49 18.02 11.03 14.19
CA TYR B 49 17.42 11.24 15.50
C TYR B 49 18.07 12.46 16.13
N ARG B 50 17.38 13.02 17.12
CA ARG B 50 17.82 14.26 17.76
C ARG B 50 18.18 15.32 16.72
N ALA B 51 17.36 15.38 15.67
CA ALA B 51 17.40 16.40 14.62
C ALA B 51 18.56 16.26 13.65
N ASN B 52 19.75 15.87 14.11
CA ASN B 52 20.88 15.86 13.20
C ASN B 52 21.84 14.68 13.34
N ARG B 53 21.50 13.65 14.11
CA ARG B 53 22.35 12.49 14.30
C ARG B 53 21.93 11.39 13.32
N LEU B 54 22.87 11.01 12.46
CA LEU B 54 22.64 9.93 11.52
C LEU B 54 22.68 8.60 12.25
N VAL B 55 21.70 7.74 11.95
CA VAL B 55 21.64 6.40 12.50
C VAL B 55 22.66 5.49 11.82
N ASP B 56 23.17 4.51 12.58
CA ASP B 56 24.06 3.53 11.99
C ASP B 56 23.35 2.72 10.92
N GLY B 57 24.04 2.45 9.82
CA GLY B 57 23.43 1.72 8.73
C GLY B 57 22.65 2.53 7.73
N VAL B 58 22.74 3.86 7.80
CA VAL B 58 22.06 4.77 6.88
C VAL B 58 23.12 5.48 6.06
N PRO B 59 22.95 5.62 4.74
CA PRO B 59 23.97 6.29 3.95
C PRO B 59 24.22 7.73 4.38
N SER B 60 25.48 8.16 4.20
CA SER B 60 25.92 9.47 4.64
C SER B 60 25.29 10.61 3.85
N ARG B 61 24.69 10.33 2.68
CA ARG B 61 24.01 11.36 1.93
C ARG B 61 22.81 11.93 2.66
N PHE B 62 22.32 11.26 3.71
CA PHE B 62 21.22 11.79 4.50
C PHE B 62 21.76 12.65 5.63
N SER B 63 21.16 13.83 5.82
CA SER B 63 21.53 14.68 6.95
C SER B 63 20.29 15.45 7.40
N GLY B 64 20.29 15.78 8.70
CA GLY B 64 19.23 16.56 9.28
C GLY B 64 19.79 17.85 9.84
N SER B 65 18.95 18.88 9.85
CA SER B 65 19.34 20.17 10.42
C SER B 65 18.12 20.87 10.99
N GLY B 66 18.37 21.97 11.68
CA GLY B 66 17.30 22.78 12.23
C GLY B 66 17.34 22.85 13.74
N SER B 67 16.45 23.70 14.27
CA SER B 67 16.38 23.97 15.69
C SER B 67 15.03 24.62 15.96
N GLY B 68 14.66 24.67 17.23
CA GLY B 68 13.41 25.31 17.60
C GLY B 68 12.20 24.64 17.01
N GLN B 69 11.53 25.32 16.07
CA GLN B 69 10.35 24.80 15.40
C GLN B 69 10.60 24.27 13.99
N ASP B 70 11.75 24.58 13.38
CA ASP B 70 11.95 24.41 11.94
C ASP B 70 13.09 23.43 11.69
N TYR B 71 12.78 22.32 11.01
CA TYR B 71 13.74 21.26 10.75
C TYR B 71 13.70 20.86 9.27
N SER B 72 14.82 20.30 8.82
CA SER B 72 14.95 19.89 7.43
CA SER B 72 14.95 19.89 7.43
C SER B 72 15.71 18.58 7.34
N LEU B 73 15.35 17.80 6.33
CA LEU B 73 16.09 16.60 5.93
C LEU B 73 16.64 16.86 4.54
N THR B 74 17.92 16.58 4.35
CA THR B 74 18.55 16.76 3.06
C THR B 74 19.13 15.43 2.58
N ILE B 75 18.88 15.11 1.32
CA ILE B 75 19.59 14.06 0.62
C ILE B 75 20.56 14.78 -0.30
N SER B 76 21.87 14.63 -0.06
CA SER B 76 22.84 15.45 -0.80
C SER B 76 22.82 15.13 -2.27
N SER B 77 22.54 13.88 -2.61
CA SER B 77 22.50 13.42 -3.99
C SER B 77 21.62 12.17 -4.03
N LEU B 78 20.43 12.30 -4.63
CA LEU B 78 19.42 11.25 -4.64
C LEU B 78 19.88 9.98 -5.36
N GLU B 79 19.62 8.84 -4.74
CA GLU B 79 19.77 7.53 -5.36
C GLU B 79 18.39 6.95 -5.66
N TYR B 80 18.36 6.01 -6.62
CA TYR B 80 17.08 5.44 -7.05
C TYR B 80 16.31 4.86 -5.86
N GLU B 81 17.02 4.17 -4.95
CA GLU B 81 16.39 3.52 -3.79
C GLU B 81 15.83 4.51 -2.78
N ASP B 82 16.04 5.80 -2.96
CA ASP B 82 15.52 6.80 -2.01
C ASP B 82 14.06 7.15 -2.26
N MET B 83 13.43 6.62 -3.30
CA MET B 83 12.00 6.83 -3.43
C MET B 83 11.28 6.27 -2.21
N GLY B 84 10.20 6.94 -1.82
CA GLY B 84 9.39 6.50 -0.71
C GLY B 84 8.68 7.68 -0.08
N ILE B 85 8.18 7.48 1.12
CA ILE B 85 7.54 8.55 1.88
C ILE B 85 8.37 8.80 3.13
N TYR B 86 8.66 10.07 3.39
CA TYR B 86 9.49 10.49 4.52
C TYR B 86 8.62 11.16 5.58
N TYR B 87 8.84 10.78 6.84
CA TYR B 87 8.07 11.30 7.95
C TYR B 87 9.00 11.89 9.00
N CYS B 88 8.50 12.92 9.69
CA CYS B 88 9.14 13.40 10.92
C CYS B 88 8.28 13.06 12.13
N LEU B 89 8.93 13.11 13.30
CA LEU B 89 8.30 12.78 14.58
C LEU B 89 8.92 13.65 15.66
N GLN B 90 8.10 14.25 16.53
CA GLN B 90 8.61 14.88 17.74
C GLN B 90 8.38 13.99 18.95
N TYR B 91 9.37 13.96 19.84
CA TYR B 91 9.27 13.29 21.13
C TYR B 91 9.81 14.20 22.23
N ASP B 92 9.53 15.49 22.08
CA ASP B 92 9.78 16.42 23.19
C ASP B 92 8.72 16.29 24.27
N GLU B 93 7.49 15.94 23.90
CA GLU B 93 6.42 15.83 24.87
CA GLU B 93 6.42 15.83 24.87
C GLU B 93 5.49 14.70 24.48
N PHE B 94 4.56 14.41 25.38
CA PHE B 94 3.48 13.47 25.13
C PHE B 94 2.22 14.25 24.80
N PRO B 95 1.43 13.84 23.79
CA PRO B 95 1.69 12.69 22.92
C PRO B 95 2.82 12.93 21.93
N ARG B 96 3.52 11.87 21.57
CA ARG B 96 4.39 11.93 20.42
C ARG B 96 3.52 12.15 19.18
N THR B 97 3.99 12.98 18.26
CA THR B 97 3.20 13.30 17.09
C THR B 97 4.05 13.27 15.83
N PHE B 98 3.44 12.79 14.76
CA PHE B 98 4.09 12.61 13.47
C PHE B 98 3.62 13.66 12.46
N GLY B 99 4.52 14.03 11.55
CA GLY B 99 4.12 14.74 10.37
C GLY B 99 3.31 13.87 9.41
N GLY B 100 2.70 14.53 8.41
CA GLY B 100 1.84 13.87 7.44
C GLY B 100 2.55 13.21 6.29
N GLY B 101 3.87 13.37 6.23
CA GLY B 101 4.68 12.74 5.21
C GLY B 101 4.97 13.62 4.01
N THR B 102 6.11 13.33 3.37
CA THR B 102 6.51 13.87 2.08
C THR B 102 6.81 12.70 1.16
N LYS B 103 6.07 12.60 0.06
CA LYS B 103 6.32 11.54 -0.92
C LYS B 103 7.39 12.00 -1.92
N LEU B 104 8.39 11.16 -2.14
CA LEU B 104 9.50 11.46 -3.04
C LEU B 104 9.52 10.41 -4.14
N GLU B 105 9.44 10.86 -5.39
CA GLU B 105 9.44 10.00 -6.56
C GLU B 105 10.52 10.46 -7.53
N ILE B 106 10.85 9.59 -8.47
CA ILE B 106 11.97 9.82 -9.38
C ILE B 106 11.43 10.30 -10.73
N LYS B 107 12.05 11.35 -11.25
CA LYS B 107 11.73 11.86 -12.57
C LYS B 107 12.27 10.96 -13.68
N ARG B 108 11.53 10.92 -14.79
CA ARG B 108 11.94 10.14 -15.96
CA ARG B 108 11.94 10.14 -15.96
C ARG B 108 11.12 10.62 -17.16
N THR B 109 11.42 10.05 -18.32
CA THR B 109 10.80 10.48 -19.55
CA THR B 109 10.80 10.46 -19.57
C THR B 109 9.31 10.13 -19.61
N VAL B 110 8.55 10.96 -20.34
CA VAL B 110 7.15 10.66 -20.61
C VAL B 110 7.03 9.34 -21.33
N ALA B 111 6.03 8.54 -20.91
CA ALA B 111 5.68 7.28 -21.53
C ALA B 111 4.18 7.19 -21.68
N ALA B 112 3.71 6.91 -22.89
CA ALA B 112 2.29 6.68 -23.10
C ALA B 112 1.91 5.26 -22.67
N PRO B 113 0.72 5.07 -22.10
CA PRO B 113 0.29 3.72 -21.73
C PRO B 113 -0.02 2.87 -22.95
N SER B 114 0.21 1.57 -22.82
CA SER B 114 -0.54 0.60 -23.61
C SER B 114 -1.83 0.27 -22.88
N VAL B 115 -2.91 0.07 -23.64
CA VAL B 115 -4.24 -0.06 -23.07
C VAL B 115 -4.84 -1.40 -23.47
N PHE B 116 -5.52 -2.03 -22.52
CA PHE B 116 -6.13 -3.34 -22.74
C PHE B 116 -7.48 -3.36 -22.04
N ILE B 117 -8.48 -3.95 -22.68
CA ILE B 117 -9.79 -4.14 -22.07
C ILE B 117 -10.08 -5.63 -21.92
N PHE B 118 -10.70 -6.00 -20.80
CA PHE B 118 -11.04 -7.38 -20.49
C PHE B 118 -12.53 -7.51 -20.22
N PRO B 119 -13.25 -8.37 -20.93
CA PRO B 119 -14.65 -8.62 -20.60
C PRO B 119 -14.79 -9.41 -19.32
N PRO B 120 -15.97 -9.40 -18.70
CA PRO B 120 -16.21 -10.33 -17.58
C PRO B 120 -16.10 -11.78 -18.04
N SER B 121 -15.55 -12.61 -17.16
CA SER B 121 -15.45 -14.03 -17.46
C SER B 121 -16.81 -14.71 -17.37
N ASP B 122 -16.98 -15.79 -18.13
CA ASP B 122 -18.19 -16.57 -18.00
C ASP B 122 -18.35 -17.10 -16.58
N GLU B 123 -17.23 -17.43 -15.92
CA GLU B 123 -17.28 -17.93 -14.56
C GLU B 123 -17.90 -16.90 -13.62
N GLN B 124 -17.51 -15.64 -13.76
CA GLN B 124 -18.08 -14.63 -12.89
C GLN B 124 -19.57 -14.44 -13.18
N LEU B 125 -19.95 -14.41 -14.45
CA LEU B 125 -21.35 -14.15 -14.78
C LEU B 125 -22.28 -15.16 -14.13
N LYS B 126 -21.79 -16.37 -13.86
CA LYS B 126 -22.63 -17.36 -13.20
C LYS B 126 -23.16 -16.87 -11.85
N SER B 127 -22.59 -15.83 -11.29
CA SER B 127 -22.89 -15.39 -9.94
C SER B 127 -23.63 -14.06 -9.89
N GLY B 128 -23.98 -13.48 -11.04
CA GLY B 128 -24.88 -12.35 -11.07
C GLY B 128 -24.22 -11.00 -11.20
N THR B 129 -22.89 -10.93 -11.23
CA THR B 129 -22.14 -9.69 -11.35
C THR B 129 -21.18 -9.79 -12.52
N ALA B 130 -20.91 -8.64 -13.11
CA ALA B 130 -20.00 -8.50 -14.22
C ALA B 130 -18.98 -7.43 -13.89
N SER B 131 -17.70 -7.77 -13.96
CA SER B 131 -16.62 -6.81 -13.82
C SER B 131 -15.95 -6.66 -15.17
N VAL B 132 -15.84 -5.44 -15.64
CA VAL B 132 -15.14 -5.11 -16.88
C VAL B 132 -13.88 -4.35 -16.47
N VAL B 133 -12.72 -4.74 -17.00
CA VAL B 133 -11.45 -4.19 -16.53
C VAL B 133 -10.72 -3.53 -17.68
N CYS B 134 -10.22 -2.33 -17.43
CA CYS B 134 -9.37 -1.59 -18.37
C CYS B 134 -8.00 -1.44 -17.72
N LEU B 135 -6.96 -1.85 -18.43
CA LEU B 135 -5.58 -1.76 -17.95
C LEU B 135 -4.81 -0.72 -18.74
N LEU B 136 -4.13 0.18 -18.02
CA LEU B 136 -3.18 1.15 -18.56
C LEU B 136 -1.80 0.71 -18.08
N ASN B 137 -0.94 0.30 -18.99
CA ASN B 137 0.34 -0.31 -18.65
C ASN B 137 1.50 0.63 -18.97
N ASN B 138 2.31 0.89 -17.95
CA ASN B 138 3.64 1.53 -18.03
C ASN B 138 3.59 2.92 -18.64
N PHE B 139 3.02 3.85 -17.87
CA PHE B 139 2.91 5.22 -18.31
C PHE B 139 3.54 6.19 -17.31
N TYR B 140 3.84 7.41 -17.79
CA TYR B 140 4.45 8.44 -16.99
C TYR B 140 4.21 9.77 -17.69
N PRO B 141 3.78 10.83 -16.98
CA PRO B 141 3.51 10.91 -15.53
C PRO B 141 2.19 10.24 -15.14
N ARG B 142 1.82 10.41 -13.86
CA ARG B 142 0.75 9.61 -13.29
C ARG B 142 -0.62 10.08 -13.73
N GLU B 143 -0.76 11.32 -14.14
CA GLU B 143 -2.06 11.84 -14.49
C GLU B 143 -2.62 11.13 -15.72
N ALA B 144 -3.83 10.61 -15.59
CA ALA B 144 -4.48 9.89 -16.67
C ALA B 144 -5.99 9.92 -16.43
N LYS B 145 -6.74 9.88 -17.51
CA LYS B 145 -8.19 9.85 -17.41
C LYS B 145 -8.70 8.61 -18.14
N VAL B 146 -9.55 7.85 -17.46
CA VAL B 146 -10.22 6.68 -18.02
C VAL B 146 -11.71 6.98 -18.07
N GLN B 147 -12.31 6.86 -19.23
CA GLN B 147 -13.73 7.07 -19.42
CA GLN B 147 -13.73 7.07 -19.42
C GLN B 147 -14.35 5.76 -19.89
N TRP B 148 -15.39 5.30 -19.18
CA TRP B 148 -16.12 4.09 -19.56
C TRP B 148 -17.38 4.46 -20.34
N LYS B 149 -17.66 3.74 -21.43
CA LYS B 149 -18.93 3.88 -22.13
C LYS B 149 -19.52 2.51 -22.40
N VAL B 150 -20.84 2.42 -22.25
CA VAL B 150 -21.63 1.20 -22.51
C VAL B 150 -22.69 1.61 -23.51
N ASP B 151 -22.62 1.10 -24.73
CA ASP B 151 -23.49 1.54 -25.83
C ASP B 151 -23.54 3.07 -25.90
N ASN B 152 -22.36 3.66 -25.78
CA ASN B 152 -22.14 5.11 -25.89
C ASN B 152 -22.70 5.90 -24.71
N ALA B 153 -23.14 5.24 -23.65
CA ALA B 153 -23.56 5.95 -22.43
C ALA B 153 -22.36 6.05 -21.51
N LEU B 154 -21.98 7.29 -21.16
CA LEU B 154 -20.91 7.52 -20.21
C LEU B 154 -21.27 6.94 -18.85
N GLN B 155 -20.38 6.12 -18.29
CA GLN B 155 -20.57 5.52 -16.98
C GLN B 155 -19.90 6.37 -15.92
N SER B 156 -20.68 6.77 -14.91
CA SER B 156 -20.15 7.59 -13.83
C SER B 156 -20.59 7.03 -12.48
N GLY B 157 -19.64 6.77 -11.61
CA GLY B 157 -19.93 6.34 -10.25
C GLY B 157 -19.89 4.85 -10.04
N ASN B 158 -19.74 4.06 -11.11
CA ASN B 158 -19.72 2.61 -10.99
C ASN B 158 -18.39 2.02 -11.42
N SER B 159 -17.30 2.77 -11.27
CA SER B 159 -15.97 2.26 -11.51
C SER B 159 -15.04 2.64 -10.36
N GLN B 160 -13.98 1.84 -10.19
CA GLN B 160 -12.93 2.13 -9.22
C GLN B 160 -11.58 1.85 -9.86
N GLU B 161 -10.61 2.68 -9.50
CA GLU B 161 -9.25 2.67 -10.05
C GLU B 161 -8.25 2.33 -8.94
N SER B 162 -7.15 1.70 -9.33
CA SER B 162 -6.00 1.40 -8.49
C SER B 162 -4.74 1.62 -9.29
N VAL B 163 -3.68 2.13 -8.66
CA VAL B 163 -2.46 2.48 -9.36
C VAL B 163 -1.25 1.92 -8.62
N THR B 164 -0.24 1.49 -9.38
CA THR B 164 0.98 1.03 -8.79
C THR B 164 1.92 2.20 -8.47
N GLU B 165 2.95 1.90 -7.69
CA GLU B 165 3.99 2.86 -7.37
C GLU B 165 5.26 2.52 -8.15
N GLN B 166 6.12 3.51 -8.31
CA GLN B 166 7.48 3.19 -8.75
C GLN B 166 8.11 2.22 -7.75
N ASP B 167 9.03 1.39 -8.25
CA ASP B 167 9.71 0.44 -7.39
C ASP B 167 11.04 0.07 -8.04
N SER B 168 11.69 -0.99 -7.52
CA SER B 168 13.03 -1.32 -7.99
C SER B 168 13.05 -1.75 -9.44
N LYS B 169 11.93 -2.19 -9.99
CA LYS B 169 11.88 -2.67 -11.36
C LYS B 169 11.21 -1.71 -12.32
N ASP B 170 10.44 -0.74 -11.82
CA ASP B 170 9.61 0.06 -12.68
C ASP B 170 9.62 1.50 -12.23
N SER B 171 9.95 2.41 -13.14
CA SER B 171 9.82 3.84 -12.89
C SER B 171 8.58 4.43 -13.52
N THR B 172 7.80 3.64 -14.27
CA THR B 172 6.50 4.05 -14.75
C THR B 172 5.42 3.56 -13.80
N TYR B 173 4.20 4.05 -14.02
CA TYR B 173 2.99 3.63 -13.32
C TYR B 173 2.17 2.70 -14.20
N SER B 174 1.34 1.87 -13.56
CA SER B 174 0.27 1.15 -14.23
C SER B 174 -1.00 1.36 -13.44
N LEU B 175 -2.14 1.24 -14.13
CA LEU B 175 -3.44 1.54 -13.54
C LEU B 175 -4.48 0.55 -14.06
N SER B 176 -5.34 0.10 -13.16
CA SER B 176 -6.51 -0.68 -13.52
C SER B 176 -7.76 0.07 -13.13
N SER B 177 -8.74 0.05 -14.02
CA SER B 177 -10.07 0.58 -13.75
C SER B 177 -11.05 -0.55 -13.91
N THR B 178 -11.95 -0.72 -12.95
CA THR B 178 -12.91 -1.81 -12.95
C THR B 178 -14.31 -1.23 -12.93
N LEU B 179 -15.08 -1.54 -13.97
CA LEU B 179 -16.48 -1.16 -14.09
C LEU B 179 -17.32 -2.32 -13.61
N THR B 180 -18.25 -2.05 -12.69
CA THR B 180 -19.12 -3.08 -12.13
C THR B 180 -20.54 -2.89 -12.62
N LEU B 181 -21.10 -3.94 -13.18
CA LEU B 181 -22.48 -3.96 -13.63
C LEU B 181 -23.15 -5.21 -13.13
N SER B 182 -24.47 -5.17 -13.00
CA SER B 182 -25.20 -6.40 -12.79
C SER B 182 -25.12 -7.26 -14.04
N LYS B 183 -25.23 -8.57 -13.86
CA LYS B 183 -25.31 -9.46 -15.02
C LYS B 183 -26.46 -9.04 -15.95
N ALA B 184 -27.61 -8.69 -15.37
CA ALA B 184 -28.77 -8.36 -16.18
C ALA B 184 -28.51 -7.13 -17.03
N ASP B 185 -27.83 -6.14 -16.46
CA ASP B 185 -27.49 -4.95 -17.23
C ASP B 185 -26.43 -5.26 -18.26
N TYR B 186 -25.42 -6.06 -17.90
CA TYR B 186 -24.38 -6.39 -18.85
C TYR B 186 -24.96 -7.05 -20.09
N GLU B 187 -25.94 -7.93 -19.91
CA GLU B 187 -26.47 -8.70 -21.02
C GLU B 187 -27.49 -7.94 -21.85
N LYS B 188 -27.85 -6.72 -21.45
CA LYS B 188 -28.73 -5.86 -22.24
C LYS B 188 -27.97 -4.90 -23.16
N HIS B 189 -26.64 -4.94 -23.15
CA HIS B 189 -25.87 -3.98 -23.93
C HIS B 189 -24.77 -4.70 -24.69
N LYS B 190 -24.30 -4.02 -25.74
CA LYS B 190 -23.38 -4.64 -26.69
C LYS B 190 -21.96 -4.09 -26.60
N VAL B 191 -21.79 -2.77 -26.72
CA VAL B 191 -20.47 -2.17 -26.93
C VAL B 191 -19.93 -1.67 -25.60
N TYR B 192 -18.79 -2.22 -25.18
CA TYR B 192 -18.11 -1.87 -23.94
C TYR B 192 -16.77 -1.22 -24.31
N ALA B 193 -16.56 0.01 -23.85
CA ALA B 193 -15.40 0.77 -24.29
C ALA B 193 -14.75 1.53 -23.15
N CYS B 194 -13.43 1.52 -23.13
CA CYS B 194 -12.67 2.36 -22.22
CA CYS B 194 -12.65 2.33 -22.22
C CYS B 194 -11.80 3.28 -23.05
N GLU B 195 -11.89 4.57 -22.76
CA GLU B 195 -11.17 5.62 -23.48
C GLU B 195 -10.16 6.25 -22.54
N VAL B 196 -8.89 6.31 -22.98
CA VAL B 196 -7.79 6.74 -22.13
C VAL B 196 -7.19 8.02 -22.69
N THR B 197 -7.05 9.03 -21.83
CA THR B 197 -6.37 10.28 -22.16
C THR B 197 -5.10 10.36 -21.32
N HIS B 198 -3.98 10.66 -21.97
CA HIS B 198 -2.70 10.77 -21.30
C HIS B 198 -1.79 11.67 -22.15
N GLN B 199 -0.97 12.47 -21.49
CA GLN B 199 -0.21 13.45 -22.24
C GLN B 199 0.78 12.81 -23.21
N GLY B 200 1.10 11.53 -23.03
CA GLY B 200 1.97 10.84 -23.97
C GLY B 200 1.30 10.37 -25.23
N LEU B 201 -0.03 10.50 -25.29
CA LEU B 201 -0.81 10.16 -26.45
C LEU B 201 -1.21 11.41 -27.22
N SER B 202 -1.10 11.34 -28.55
CA SER B 202 -1.50 12.46 -29.39
C SER B 202 -3.00 12.76 -29.26
N SER B 203 -3.81 11.71 -29.12
CA SER B 203 -5.25 11.81 -28.96
C SER B 203 -5.65 10.63 -28.09
N PRO B 204 -6.85 10.67 -27.50
CA PRO B 204 -7.27 9.55 -26.64
C PRO B 204 -7.32 8.23 -27.39
N VAL B 205 -7.02 7.15 -26.67
CA VAL B 205 -7.03 5.79 -27.18
C VAL B 205 -8.24 5.06 -26.62
N THR B 206 -8.98 4.37 -27.47
CA THR B 206 -10.16 3.63 -27.04
C THR B 206 -9.94 2.16 -27.33
N LYS B 207 -10.17 1.33 -26.34
CA LYS B 207 -10.24 -0.12 -26.52
C LYS B 207 -11.65 -0.56 -26.21
N SER B 208 -12.20 -1.45 -27.05
CA SER B 208 -13.57 -1.88 -26.85
C SER B 208 -13.75 -3.34 -27.23
N PHE B 209 -14.87 -3.91 -26.79
CA PHE B 209 -15.31 -5.22 -27.25
C PHE B 209 -16.82 -5.17 -27.40
N ASN B 210 -17.35 -6.09 -28.21
CA ASN B 210 -18.77 -6.36 -28.30
C ASN B 210 -19.10 -7.63 -27.52
N ARG B 211 -20.06 -7.53 -26.61
CA ARG B 211 -20.44 -8.69 -25.81
C ARG B 211 -20.81 -9.86 -26.72
N GLY B 212 -20.21 -11.01 -26.45
CA GLY B 212 -20.57 -12.23 -27.17
C GLY B 212 -19.84 -12.45 -28.47
N GLU B 213 -18.91 -11.58 -28.84
CA GLU B 213 -18.05 -11.76 -29.99
C GLU B 213 -16.64 -12.11 -29.49
N CYS B 214 -15.76 -12.60 -30.38
CA CYS B 214 -14.29 -12.54 -30.10
C CYS B 214 -13.80 -11.62 -31.27
#